data_2G1G
#
_entry.id   2G1G
#
_entity_poly.entity_id   1
_entity_poly.type   'polyribonucleotide'
_entity_poly.pdbx_seq_one_letter_code
;ACGGGCUCAU(T6A)ACCCGU
;
_entity_poly.pdbx_strand_id   A
#